data_9GUM
#
_entry.id   9GUM
#
_cell.length_a   42.568
_cell.length_b   41.876
_cell.length_c   72.564
_cell.angle_alpha   90.000
_cell.angle_beta   104.732
_cell.angle_gamma   90.000
#
_symmetry.space_group_name_H-M   'P 1 21 1'
#
loop_
_entity.id
_entity.type
_entity.pdbx_description
1 polymer 'Carbonic anhydrase 2'
2 non-polymer N-phenethyl-2-(1H-tetrazol-5-yl)acetamide
3 non-polymer 1,2-ETHANEDIOL
4 non-polymer 'ZINC ION'
5 water water
#
_entity_poly.entity_id   1
_entity_poly.type   'polypeptide(L)'
_entity_poly.pdbx_seq_one_letter_code
;MSHHWGYGKHNGPEHWHKDFPIAKGERQSPVDIDTHTAKYDPSLKPLSVSYDQATSLRILNNGHAFNVEFDDSQDKAVLK
GGPLDGTYRLIQFHFHWGSLDGQGSEHTVDKKKYAAELHLVHWNTKYGDFGKAVQQPDGLAVLGIFLKVGSAKPGLQKVV
DVLDSIKTKGKSADFTNFDPRGLLPESLDYWTYPGSLTTPPLLECVTWIVLKEPISVSSEQVLKFRKLNFNGEGEPEELM
VDNWRPAQPLKNRQIKASFK
;
_entity_poly.pdbx_strand_id   AAA
#
loop_
_chem_comp.id
_chem_comp.type
_chem_comp.name
_chem_comp.formula
A1IO3 non-polymer N-phenethyl-2-(1H-tetrazol-5-yl)acetamide 'C11 H13 N5 O'
EDO non-polymer 1,2-ETHANEDIOL 'C2 H6 O2'
ZN non-polymer 'ZINC ION' 'Zn 2'
#
# COMPACT_ATOMS: atom_id res chain seq x y z
N HIS A 3 -10.90 -22.30 5.26
CA HIS A 3 -11.13 -21.59 3.94
C HIS A 3 -11.12 -20.06 4.10
N HIS A 4 -9.99 -19.48 4.54
CA HIS A 4 -9.76 -18.01 4.78
C HIS A 4 -9.49 -17.31 3.43
N TRP A 5 -9.63 -15.99 3.37
CA TRP A 5 -9.45 -15.21 2.12
C TRP A 5 -7.96 -15.23 1.74
N GLY A 6 -7.67 -15.10 0.46
CA GLY A 6 -6.28 -14.95 -0.04
C GLY A 6 -6.28 -14.46 -1.47
N TYR A 7 -5.35 -14.97 -2.29
CA TYR A 7 -5.14 -14.54 -3.70
C TYR A 7 -5.12 -15.78 -4.62
N GLY A 8 -5.50 -16.96 -4.14
CA GLY A 8 -5.56 -18.17 -4.99
C GLY A 8 -6.85 -18.25 -5.81
N LYS A 9 -6.97 -19.27 -6.67
CA LYS A 9 -8.14 -19.50 -7.55
C LYS A 9 -9.38 -19.62 -6.67
N HIS A 10 -9.24 -20.24 -5.50
CA HIS A 10 -10.41 -20.64 -4.67
C HIS A 10 -10.74 -19.58 -3.61
N ASN A 11 -9.87 -18.60 -3.34
CA ASN A 11 -10.13 -17.70 -2.19
C ASN A 11 -9.74 -16.24 -2.50
N GLY A 12 -9.64 -15.93 -3.79
CA GLY A 12 -9.06 -14.68 -4.32
C GLY A 12 -10.13 -13.60 -4.35
N PRO A 13 -9.77 -12.41 -4.84
CA PRO A 13 -10.66 -11.25 -4.83
C PRO A 13 -12.10 -11.53 -5.34
N GLU A 14 -12.30 -12.40 -6.33
CA GLU A 14 -13.66 -12.69 -6.87
C GLU A 14 -14.57 -13.37 -5.81
N HIS A 15 -13.97 -13.96 -4.77
CA HIS A 15 -14.68 -14.70 -3.69
C HIS A 15 -14.99 -13.79 -2.51
N TRP A 16 -14.24 -12.69 -2.35
CA TRP A 16 -14.25 -11.96 -1.05
C TRP A 16 -15.64 -11.48 -0.63
N HIS A 17 -16.47 -11.08 -1.56
CA HIS A 17 -17.83 -10.54 -1.28
C HIS A 17 -18.71 -11.52 -0.47
N LYS A 18 -18.48 -12.83 -0.52
CA LYS A 18 -19.29 -13.80 0.26
C LYS A 18 -19.07 -13.57 1.76
N ASP A 19 -17.84 -13.39 2.25
CA ASP A 19 -17.59 -13.05 3.68
C ASP A 19 -17.59 -11.54 3.95
N PHE A 20 -17.42 -10.68 2.93
CA PHE A 20 -17.25 -9.21 3.07
C PHE A 20 -18.08 -8.55 1.99
N PRO A 21 -19.44 -8.54 2.13
CA PRO A 21 -20.33 -7.95 1.13
C PRO A 21 -19.95 -6.51 0.73
N ILE A 22 -19.20 -5.80 1.55
CA ILE A 22 -18.77 -4.41 1.19
CA ILE A 22 -18.77 -4.41 1.20
C ILE A 22 -17.83 -4.44 -0.03
N ALA A 23 -17.31 -5.61 -0.40
CA ALA A 23 -16.45 -5.77 -1.60
C ALA A 23 -17.14 -5.19 -2.83
N LYS A 24 -18.48 -5.17 -2.84
CA LYS A 24 -19.30 -4.62 -3.96
C LYS A 24 -19.84 -3.24 -3.60
N GLY A 25 -19.23 -2.54 -2.64
CA GLY A 25 -19.71 -1.24 -2.16
C GLY A 25 -19.41 -0.09 -3.12
N GLU A 26 -19.73 1.13 -2.68
CA GLU A 26 -19.75 2.35 -3.52
C GLU A 26 -18.36 3.01 -3.51
N ARG A 27 -17.43 2.66 -2.63
CA ARG A 27 -16.10 3.39 -2.64
C ARG A 27 -14.95 2.40 -2.41
N GLN A 28 -14.86 1.39 -3.28
CA GLN A 28 -13.88 0.29 -3.15
C GLN A 28 -12.62 0.69 -3.91
N SER A 29 -11.52 0.14 -3.45
CA SER A 29 -10.13 0.35 -3.94
C SER A 29 -9.51 -0.99 -4.26
N PRO A 30 -8.53 -1.06 -5.19
CA PRO A 30 -8.02 0.09 -5.94
C PRO A 30 -8.91 0.48 -7.13
N VAL A 31 -8.50 1.50 -7.86
CA VAL A 31 -9.18 1.96 -9.09
C VAL A 31 -8.15 2.19 -10.19
N ASP A 32 -8.63 2.22 -11.43
CA ASP A 32 -7.84 2.75 -12.55
C ASP A 32 -7.82 4.28 -12.45
N ILE A 33 -6.63 4.90 -12.58
CA ILE A 33 -6.54 6.38 -12.64
C ILE A 33 -6.47 6.77 -14.11
N ASP A 34 -7.55 7.33 -14.64
CA ASP A 34 -7.59 7.84 -16.03
CA ASP A 34 -7.61 7.85 -16.03
C ASP A 34 -7.01 9.26 -16.01
N THR A 35 -5.79 9.42 -16.53
CA THR A 35 -5.04 10.69 -16.44
C THR A 35 -5.72 11.80 -17.23
N HIS A 36 -6.54 11.48 -18.23
CA HIS A 36 -7.29 12.46 -19.08
C HIS A 36 -8.63 12.88 -18.43
N THR A 37 -9.08 12.22 -17.38
CA THR A 37 -10.35 12.51 -16.65
C THR A 37 -10.04 13.10 -15.27
N ALA A 38 -8.91 12.79 -14.65
CA ALA A 38 -8.51 13.34 -13.33
C ALA A 38 -8.32 14.86 -13.45
N LYS A 39 -9.07 15.66 -12.69
CA LYS A 39 -8.99 17.12 -12.83
C LYS A 39 -7.98 17.73 -11.85
N TYR A 40 -7.19 18.69 -12.33
CA TYR A 40 -6.32 19.52 -11.46
C TYR A 40 -7.24 20.23 -10.47
N ASP A 41 -6.91 20.17 -9.18
CA ASP A 41 -7.66 20.88 -8.11
C ASP A 41 -6.75 21.88 -7.41
N PRO A 42 -6.87 23.20 -7.71
CA PRO A 42 -5.87 24.18 -7.26
C PRO A 42 -6.00 24.46 -5.76
N SER A 43 -7.11 24.02 -5.15
CA SER A 43 -7.40 24.14 -3.71
C SER A 43 -6.63 23.07 -2.91
N LEU A 44 -6.11 22.03 -3.58
CA LEU A 44 -5.29 20.99 -2.89
C LEU A 44 -3.99 21.65 -2.46
N LYS A 45 -3.69 21.60 -1.15
CA LYS A 45 -2.41 22.01 -0.54
C LYS A 45 -1.33 20.96 -0.84
N PRO A 46 -0.05 21.37 -0.66
CA PRO A 46 1.07 20.45 -0.80
C PRO A 46 0.98 19.43 0.35
N LEU A 47 1.43 18.25 0.03
CA LEU A 47 1.44 17.12 0.97
C LEU A 47 2.59 17.38 1.93
N SER A 48 2.40 17.08 3.19
CA SER A 48 3.45 17.17 4.24
C SER A 48 3.73 15.76 4.75
N VAL A 49 4.90 15.24 4.40
CA VAL A 49 5.36 13.89 4.86
C VAL A 49 6.48 14.17 5.85
N SER A 50 6.25 13.94 7.14
CA SER A 50 7.21 14.22 8.23
C SER A 50 7.63 12.91 8.89
N TYR A 51 8.64 12.24 8.32
CA TYR A 51 9.13 10.91 8.76
C TYR A 51 10.48 11.00 9.50
N ASP A 52 11.05 12.19 9.71
CA ASP A 52 12.38 12.40 10.35
C ASP A 52 12.48 11.61 11.67
N GLN A 53 11.45 11.65 12.53
CA GLN A 53 11.44 10.96 13.86
C GLN A 53 10.72 9.58 13.78
N ALA A 54 10.62 8.95 12.61
CA ALA A 54 9.89 7.66 12.48
C ALA A 54 10.70 6.59 13.22
N THR A 55 10.02 5.79 14.05
CA THR A 55 10.56 4.62 14.79
C THR A 55 9.97 3.29 14.26
N SER A 56 10.69 2.56 13.42
CA SER A 56 10.25 1.21 12.94
C SER A 56 10.58 0.23 14.08
N LEU A 57 9.78 -0.82 14.26
CA LEU A 57 10.01 -1.81 15.36
C LEU A 57 10.23 -3.21 14.80
N ARG A 58 9.46 -3.59 13.78
CA ARG A 58 9.31 -5.03 13.47
C ARG A 58 8.84 -5.21 12.02
N ILE A 59 9.27 -6.34 11.45
CA ILE A 59 8.76 -6.80 10.13
C ILE A 59 8.11 -8.17 10.31
N LEU A 60 6.90 -8.29 9.76
CA LEU A 60 5.97 -9.45 9.98
C LEU A 60 5.51 -9.99 8.61
N ASN A 61 5.72 -11.28 8.37
CA ASN A 61 4.95 -12.01 7.29
C ASN A 61 3.59 -12.40 7.84
N ASN A 62 2.53 -11.78 7.33
CA ASN A 62 1.16 -12.05 7.85
C ASN A 62 0.41 -13.05 6.95
N GLY A 63 1.08 -13.70 6.02
CA GLY A 63 0.51 -14.71 5.10
C GLY A 63 -0.10 -14.08 3.87
N HIS A 64 -0.18 -12.75 3.79
CA HIS A 64 -0.74 -11.97 2.63
C HIS A 64 0.33 -11.02 2.05
N ALA A 65 1.18 -10.49 2.91
CA ALA A 65 2.23 -9.53 2.57
C ALA A 65 3.23 -9.53 3.72
N PHE A 66 4.20 -8.60 3.71
CA PHE A 66 4.99 -8.27 4.92
C PHE A 66 4.70 -6.82 5.32
N ASN A 67 4.54 -6.62 6.61
CA ASN A 67 4.26 -5.34 7.26
C ASN A 67 5.53 -4.93 8.00
N VAL A 68 6.09 -3.78 7.62
CA VAL A 68 7.02 -3.06 8.53
C VAL A 68 6.17 -2.18 9.45
N GLU A 69 6.27 -2.43 10.76
CA GLU A 69 5.42 -1.77 11.78
C GLU A 69 6.26 -0.72 12.49
N PHE A 70 5.62 0.41 12.82
CA PHE A 70 6.20 1.60 13.48
C PHE A 70 5.54 1.81 14.85
N ASP A 71 6.28 2.47 15.73
CA ASP A 71 5.73 3.00 17.00
C ASP A 71 4.80 4.19 16.70
N ASP A 72 3.49 4.00 16.85
CA ASP A 72 2.44 5.02 16.56
C ASP A 72 1.75 5.51 17.85
N SER A 73 2.28 5.10 19.00
CA SER A 73 1.90 5.47 20.40
C SER A 73 2.02 6.98 20.72
N GLN A 74 2.88 7.71 19.99
CA GLN A 74 2.94 9.20 19.88
C GLN A 74 3.03 9.65 18.40
N ASP A 75 2.89 10.96 18.15
CA ASP A 75 2.91 11.66 16.83
C ASP A 75 4.35 11.92 16.38
N LYS A 76 5.04 10.89 15.87
CA LYS A 76 6.44 10.97 15.38
C LYS A 76 6.36 11.16 13.87
N ALA A 77 6.08 10.06 13.16
CA ALA A 77 5.95 9.96 11.69
C ALA A 77 4.50 10.29 11.30
N VAL A 78 4.29 11.41 10.62
CA VAL A 78 2.90 11.83 10.29
C VAL A 78 2.77 12.31 8.85
N LEU A 79 1.55 12.19 8.38
CA LEU A 79 1.14 12.73 7.06
C LEU A 79 0.06 13.77 7.32
N LYS A 80 0.20 14.92 6.68
CA LYS A 80 -0.66 16.11 6.88
C LYS A 80 -0.79 16.77 5.52
N GLY A 81 -1.70 17.70 5.36
CA GLY A 81 -1.73 18.54 4.16
C GLY A 81 -2.32 17.76 3.01
N GLY A 82 -2.05 18.21 1.78
CA GLY A 82 -2.74 17.66 0.61
C GLY A 82 -4.24 17.80 0.80
N PRO A 83 -5.01 16.70 0.65
CA PRO A 83 -6.45 16.75 0.84
C PRO A 83 -6.90 16.55 2.29
N LEU A 84 -5.96 16.24 3.17
CA LEU A 84 -6.23 15.79 4.54
C LEU A 84 -6.52 16.97 5.46
N ASP A 85 -7.49 16.76 6.35
CA ASP A 85 -7.73 17.58 7.56
C ASP A 85 -7.05 16.89 8.73
N GLY A 86 -6.20 17.62 9.44
CA GLY A 86 -5.53 17.15 10.66
C GLY A 86 -4.37 16.20 10.38
N THR A 87 -4.06 15.40 11.38
CA THR A 87 -2.77 14.68 11.52
C THR A 87 -3.01 13.18 11.45
N TYR A 88 -2.31 12.54 10.54
CA TYR A 88 -2.39 11.08 10.34
C TYR A 88 -1.04 10.44 10.69
N ARG A 89 -1.06 9.45 11.57
CA ARG A 89 0.13 8.81 12.17
C ARG A 89 0.44 7.56 11.36
N LEU A 90 1.69 7.43 10.94
CA LEU A 90 2.20 6.21 10.26
C LEU A 90 2.17 5.02 11.23
N ILE A 91 1.54 3.92 10.80
CA ILE A 91 1.49 2.66 11.61
C ILE A 91 2.26 1.52 10.91
N GLN A 92 2.23 1.43 9.59
CA GLN A 92 2.92 0.31 8.89
C GLN A 92 3.03 0.65 7.41
N PHE A 93 3.98 0.02 6.76
CA PHE A 93 3.96 -0.03 5.29
C PHE A 93 4.07 -1.50 4.86
N HIS A 94 3.50 -1.76 3.69
CA HIS A 94 3.63 -3.06 2.99
C HIS A 94 3.64 -2.82 1.50
N PHE A 95 3.81 -3.90 0.73
CA PHE A 95 3.82 -3.84 -0.74
C PHE A 95 2.81 -4.86 -1.26
N HIS A 96 2.42 -4.64 -2.51
CA HIS A 96 1.73 -5.63 -3.37
C HIS A 96 2.60 -5.86 -4.59
N TRP A 97 2.77 -7.10 -5.02
CA TRP A 97 3.64 -7.36 -6.18
C TRP A 97 3.20 -8.57 -6.98
N GLY A 98 3.83 -8.71 -8.14
CA GLY A 98 3.42 -9.71 -9.12
C GLY A 98 4.39 -10.86 -9.24
N SER A 99 4.04 -11.81 -10.11
CA SER A 99 4.83 -13.02 -10.45
C SER A 99 5.85 -12.64 -11.53
N LEU A 100 5.53 -11.58 -12.27
CA LEU A 100 6.37 -10.97 -13.34
C LEU A 100 6.25 -9.44 -13.30
N ASP A 101 7.17 -8.73 -13.95
CA ASP A 101 7.22 -7.24 -13.83
C ASP A 101 5.97 -6.56 -14.47
N GLY A 102 5.31 -7.18 -15.46
CA GLY A 102 4.11 -6.61 -16.11
C GLY A 102 2.86 -6.56 -15.24
N GLN A 103 2.91 -6.96 -13.96
CA GLN A 103 1.72 -6.88 -13.08
C GLN A 103 2.17 -6.82 -11.63
N GLY A 104 1.29 -6.40 -10.75
CA GLY A 104 1.62 -6.35 -9.32
C GLY A 104 1.02 -5.16 -8.62
N SER A 105 0.88 -4.00 -9.31
CA SER A 105 0.29 -2.82 -8.65
C SER A 105 -1.22 -3.08 -8.49
N GLU A 106 -1.81 -2.34 -7.59
CA GLU A 106 -3.26 -2.40 -7.31
C GLU A 106 -3.94 -1.31 -8.11
N HIS A 107 -3.54 -0.07 -7.88
CA HIS A 107 -3.96 1.04 -8.74
C HIS A 107 -3.28 0.86 -10.10
N THR A 108 -3.92 1.38 -11.12
CA THR A 108 -3.41 1.42 -12.50
C THR A 108 -3.49 2.85 -13.02
N VAL A 109 -2.63 3.15 -13.98
CA VAL A 109 -2.60 4.52 -14.59
C VAL A 109 -2.87 4.33 -16.09
N ASP A 110 -3.99 4.87 -16.56
CA ASP A 110 -4.48 4.58 -17.92
C ASP A 110 -4.27 3.10 -18.23
N LYS A 111 -4.71 2.23 -17.29
CA LYS A 111 -4.76 0.75 -17.43
C LYS A 111 -3.37 0.12 -17.30
N LYS A 112 -2.29 0.91 -17.20
CA LYS A 112 -0.90 0.40 -16.99
C LYS A 112 -0.78 -0.19 -15.57
N LYS A 113 -0.31 -1.43 -15.50
CA LYS A 113 0.06 -2.10 -14.22
CA LYS A 113 0.06 -2.12 -14.24
C LYS A 113 1.57 -1.94 -14.04
N TYR A 114 1.98 -1.51 -12.85
CA TYR A 114 3.39 -1.44 -12.39
C TYR A 114 3.79 -2.79 -11.76
N ALA A 115 5.10 -2.99 -11.57
CA ALA A 115 5.65 -4.26 -11.03
C ALA A 115 5.21 -4.42 -9.56
N ALA A 116 4.89 -3.32 -8.90
CA ALA A 116 4.55 -3.38 -7.46
C ALA A 116 4.03 -2.05 -7.00
N GLU A 117 3.49 -2.04 -5.78
CA GLU A 117 2.90 -0.85 -5.13
C GLU A 117 3.13 -0.92 -3.64
N LEU A 118 3.70 0.16 -3.13
CA LEU A 118 4.00 0.45 -1.72
C LEU A 118 2.82 1.21 -1.14
N HIS A 119 2.33 0.74 0.00
CA HIS A 119 1.29 1.45 0.76
C HIS A 119 1.81 1.78 2.14
N LEU A 120 2.02 3.08 2.38
CA LEU A 120 2.25 3.64 3.71
C LEU A 120 0.92 4.03 4.36
N VAL A 121 0.61 3.34 5.45
CA VAL A 121 -0.72 3.39 6.09
C VAL A 121 -0.63 4.28 7.31
N HIS A 122 -1.54 5.25 7.36
CA HIS A 122 -1.62 6.24 8.45
C HIS A 122 -3.05 6.33 9.01
N TRP A 123 -3.19 6.59 10.32
CA TRP A 123 -4.55 6.77 10.90
C TRP A 123 -4.74 8.18 11.48
N ASN A 124 -5.95 8.68 11.42
CA ASN A 124 -6.41 10.00 11.86
C ASN A 124 -6.41 10.03 13.40
N THR A 125 -5.54 10.86 14.00
CA THR A 125 -5.29 10.82 15.47
C THR A 125 -6.54 11.30 16.21
N LYS A 126 -7.57 12.17 15.41
CA LYS A 126 -8.72 12.61 16.23
C LYS A 126 -9.61 11.43 16.66
N TYR A 127 -9.39 10.20 16.14
CA TYR A 127 -10.15 9.01 16.57
C TYR A 127 -9.40 8.24 17.67
N GLY A 128 -8.19 8.63 18.11
CA GLY A 128 -7.56 8.08 19.33
C GLY A 128 -6.84 6.75 19.11
N ASP A 129 -7.39 5.85 18.32
CA ASP A 129 -6.71 4.56 18.01
C ASP A 129 -7.11 4.13 16.61
N PHE A 130 -6.31 3.23 16.05
CA PHE A 130 -6.42 2.72 14.67
C PHE A 130 -7.75 1.97 14.51
N GLY A 131 -8.09 1.13 15.50
CA GLY A 131 -9.36 0.38 15.49
C GLY A 131 -10.56 1.28 15.40
N LYS A 132 -10.58 2.43 16.09
CA LYS A 132 -11.69 3.41 15.99
C LYS A 132 -11.64 4.12 14.64
N ALA A 133 -10.45 4.45 14.16
CA ALA A 133 -10.24 5.22 12.92
C ALA A 133 -10.81 4.45 11.71
N VAL A 134 -10.66 3.11 11.65
CA VAL A 134 -11.13 2.32 10.46
C VAL A 134 -12.68 2.28 10.37
N GLN A 135 -13.40 2.69 11.41
CA GLN A 135 -14.88 2.79 11.41
C GLN A 135 -15.39 4.15 10.91
N GLN A 136 -14.48 5.04 10.51
CA GLN A 136 -14.81 6.41 10.05
C GLN A 136 -14.43 6.59 8.58
N PRO A 137 -15.24 7.39 7.85
CA PRO A 137 -14.99 7.63 6.43
C PRO A 137 -13.64 8.33 6.21
N ASP A 138 -13.17 9.11 7.17
CA ASP A 138 -11.85 9.80 7.07
C ASP A 138 -10.87 9.20 8.10
N GLY A 139 -10.99 7.92 8.40
CA GLY A 139 -10.15 7.25 9.41
C GLY A 139 -8.69 7.10 8.99
N LEU A 140 -8.45 6.76 7.72
CA LEU A 140 -7.12 6.34 7.24
C LEU A 140 -6.69 7.24 6.06
N ALA A 141 -5.38 7.45 5.94
CA ALA A 141 -4.74 8.01 4.74
C ALA A 141 -3.66 7.03 4.33
N VAL A 142 -3.77 6.55 3.09
CA VAL A 142 -2.77 5.62 2.50
C VAL A 142 -2.03 6.35 1.39
N LEU A 143 -0.72 6.40 1.55
CA LEU A 143 0.20 6.95 0.54
C LEU A 143 0.60 5.79 -0.37
N GLY A 144 0.17 5.86 -1.62
CA GLY A 144 0.47 4.84 -2.64
C GLY A 144 1.65 5.26 -3.54
N ILE A 145 2.61 4.40 -3.70
CA ILE A 145 3.81 4.65 -4.55
C ILE A 145 4.04 3.44 -5.48
N PHE A 146 4.05 3.68 -6.77
CA PHE A 146 4.32 2.63 -7.79
C PHE A 146 5.80 2.25 -7.81
N LEU A 147 6.07 0.98 -8.04
CA LEU A 147 7.42 0.42 -8.27
C LEU A 147 7.55 -0.05 -9.72
N LYS A 148 8.62 0.36 -10.40
CA LYS A 148 8.99 -0.14 -11.72
C LYS A 148 10.38 -0.75 -11.60
N VAL A 149 10.72 -1.62 -12.51
CA VAL A 149 11.99 -2.39 -12.44
C VAL A 149 13.00 -1.65 -13.34
N GLY A 150 14.13 -1.33 -12.73
CA GLY A 150 15.26 -0.65 -13.38
C GLY A 150 16.45 -0.63 -12.45
N SER A 151 16.87 0.56 -12.03
CA SER A 151 17.97 0.76 -11.05
CA SER A 151 17.99 0.71 -11.06
C SER A 151 17.49 0.30 -9.67
N ALA A 152 18.39 -0.22 -8.84
CA ALA A 152 18.14 -0.58 -7.44
C ALA A 152 17.73 0.68 -6.65
N LYS A 153 16.88 0.48 -5.66
CA LYS A 153 16.57 1.53 -4.66
C LYS A 153 17.40 1.26 -3.43
N PRO A 154 18.39 2.12 -3.10
CA PRO A 154 19.27 1.86 -1.96
C PRO A 154 18.44 1.69 -0.68
N GLY A 155 17.42 2.51 -0.53
CA GLY A 155 16.62 2.66 0.70
C GLY A 155 15.72 1.45 0.94
N LEU A 156 15.55 0.61 -0.08
CA LEU A 156 14.78 -0.67 0.00
C LEU A 156 15.70 -1.81 0.42
N GLN A 157 17.04 -1.72 0.30
CA GLN A 157 17.88 -2.94 0.37
C GLN A 157 17.79 -3.54 1.79
N LYS A 158 17.67 -2.71 2.84
CA LYS A 158 17.59 -3.24 4.24
C LYS A 158 16.34 -4.11 4.38
N VAL A 159 15.23 -3.72 3.76
CA VAL A 159 13.96 -4.54 3.71
C VAL A 159 14.26 -5.85 2.94
N VAL A 160 14.80 -5.77 1.72
CA VAL A 160 15.16 -6.96 0.89
C VAL A 160 16.02 -7.93 1.72
N ASP A 161 16.98 -7.45 2.49
CA ASP A 161 17.95 -8.39 3.12
C ASP A 161 17.37 -9.11 4.36
N VAL A 162 16.28 -8.65 4.93
CA VAL A 162 15.69 -9.34 6.11
C VAL A 162 14.66 -10.41 5.69
N LEU A 163 14.29 -10.46 4.41
CA LEU A 163 13.09 -11.25 4.02
C LEU A 163 13.42 -12.73 4.18
N ASP A 164 14.69 -13.11 4.02
CA ASP A 164 15.13 -14.51 4.24
C ASP A 164 14.67 -15.02 5.62
N SER A 165 14.51 -14.11 6.57
CA SER A 165 14.32 -14.44 8.00
C SER A 165 12.84 -14.41 8.36
N ILE A 166 11.94 -14.07 7.42
CA ILE A 166 10.45 -14.07 7.65
C ILE A 166 9.75 -14.75 6.46
N LYS A 167 10.28 -15.88 6.01
CA LYS A 167 9.87 -16.52 4.74
C LYS A 167 8.39 -16.90 4.79
N THR A 168 7.91 -17.36 5.96
CA THR A 168 6.63 -18.07 6.10
C THR A 168 5.70 -17.26 7.03
N LYS A 169 4.39 -17.52 6.89
CA LYS A 169 3.31 -16.82 7.63
C LYS A 169 3.60 -16.97 9.13
N GLY A 170 3.41 -15.86 9.86
CA GLY A 170 3.55 -15.76 11.33
C GLY A 170 4.99 -15.49 11.76
N LYS A 171 5.97 -15.48 10.84
CA LYS A 171 7.39 -15.13 11.22
C LYS A 171 7.52 -13.61 11.24
N SER A 172 8.25 -13.11 12.23
CA SER A 172 8.62 -11.70 12.36
C SER A 172 10.11 -11.57 12.72
N ALA A 173 10.62 -10.36 12.54
CA ALA A 173 12.02 -10.05 12.91
C ALA A 173 12.08 -8.60 13.41
N ASP A 174 12.92 -8.37 14.39
CA ASP A 174 13.35 -7.02 14.84
C ASP A 174 13.66 -6.20 13.57
N PHE A 175 13.08 -5.01 13.45
CA PHE A 175 13.33 -4.10 12.31
C PHE A 175 13.33 -2.65 12.81
N THR A 176 14.35 -2.32 13.61
CA THR A 176 14.54 -0.96 14.17
C THR A 176 15.38 -0.06 13.26
N ASN A 177 15.09 1.22 13.34
CA ASN A 177 15.95 2.30 12.77
C ASN A 177 15.86 2.24 11.23
N PHE A 178 14.76 1.73 10.67
CA PHE A 178 14.53 1.84 9.21
C PHE A 178 13.89 3.21 8.90
N ASP A 179 14.41 3.91 7.91
CA ASP A 179 13.99 5.28 7.54
C ASP A 179 13.16 5.19 6.28
N PRO A 180 11.81 5.34 6.38
CA PRO A 180 10.97 5.22 5.19
C PRO A 180 11.14 6.38 4.20
N ARG A 181 11.85 7.44 4.55
CA ARG A 181 12.10 8.57 3.59
C ARG A 181 12.89 8.02 2.42
N GLY A 182 13.59 6.90 2.63
CA GLY A 182 14.38 6.20 1.61
C GLY A 182 13.52 5.55 0.55
N LEU A 183 12.21 5.50 0.75
CA LEU A 183 11.32 4.83 -0.23
C LEU A 183 10.62 5.86 -1.11
N LEU A 184 10.74 7.16 -0.83
CA LEU A 184 9.96 8.17 -1.61
C LEU A 184 10.64 8.42 -2.96
N PRO A 185 9.85 8.86 -3.96
CA PRO A 185 10.37 9.49 -5.17
C PRO A 185 10.79 10.96 -4.93
N GLU A 186 11.35 11.59 -5.96
CA GLU A 186 11.75 13.03 -5.83
C GLU A 186 10.50 13.90 -5.61
N SER A 187 9.44 13.68 -6.41
CA SER A 187 8.26 14.56 -6.50
C SER A 187 7.15 14.00 -5.61
N LEU A 188 6.37 14.85 -4.93
CA LEU A 188 5.18 14.44 -4.14
C LEU A 188 3.88 14.76 -4.89
N ASP A 189 3.96 14.95 -6.22
CA ASP A 189 2.79 15.18 -7.09
C ASP A 189 1.92 13.90 -6.99
N TYR A 190 0.63 14.11 -6.84
CA TYR A 190 -0.29 12.99 -6.49
C TYR A 190 -1.67 13.16 -7.13
N TRP A 191 -2.37 12.01 -7.16
CA TRP A 191 -3.82 11.85 -7.38
C TRP A 191 -4.47 11.50 -6.05
N THR A 192 -5.69 11.95 -5.82
CA THR A 192 -6.42 11.65 -4.57
C THR A 192 -7.89 11.29 -4.88
N TYR A 193 -8.41 10.33 -4.11
CA TYR A 193 -9.83 9.95 -4.19
C TYR A 193 -10.22 9.25 -2.89
N PRO A 194 -11.53 9.21 -2.53
CA PRO A 194 -12.00 8.46 -1.37
C PRO A 194 -12.14 6.98 -1.75
N GLY A 195 -11.65 6.09 -0.91
CA GLY A 195 -11.81 4.64 -1.19
C GLY A 195 -11.77 3.76 0.04
N SER A 196 -11.16 2.60 -0.11
CA SER A 196 -11.22 1.54 0.92
C SER A 196 -9.87 0.88 1.17
N LEU A 197 -9.79 0.07 2.20
CA LEU A 197 -8.75 -0.96 2.33
C LEU A 197 -8.84 -1.89 1.09
N THR A 198 -7.71 -2.41 0.60
CA THR A 198 -7.76 -3.28 -0.62
C THR A 198 -7.68 -4.74 -0.23
N THR A 199 -7.66 -5.04 1.06
CA THR A 199 -7.84 -6.44 1.57
C THR A 199 -9.00 -6.48 2.55
N PRO A 200 -9.65 -7.67 2.75
CA PRO A 200 -10.62 -7.78 3.82
C PRO A 200 -10.02 -7.17 5.10
N PRO A 201 -10.80 -6.45 5.92
CA PRO A 201 -12.27 -6.31 5.73
C PRO A 201 -12.82 -5.24 4.75
N LEU A 202 -11.94 -4.65 3.92
CA LEU A 202 -12.31 -3.83 2.73
C LEU A 202 -13.09 -2.61 3.19
N LEU A 203 -12.80 -2.13 4.39
CA LEU A 203 -13.53 -0.99 5.02
C LEU A 203 -13.38 0.31 4.19
N GLU A 204 -14.44 1.10 4.08
CA GLU A 204 -14.46 2.35 3.27
C GLU A 204 -14.05 3.55 4.12
N CYS A 205 -12.77 3.58 4.53
CA CYS A 205 -12.25 4.50 5.56
C CYS A 205 -11.01 5.23 5.03
N VAL A 206 -10.69 5.10 3.74
CA VAL A 206 -9.35 5.56 3.25
C VAL A 206 -9.46 6.79 2.33
N THR A 207 -8.66 7.82 2.64
CA THR A 207 -8.31 8.83 1.62
C THR A 207 -7.06 8.30 0.93
N TRP A 208 -7.19 8.09 -0.37
CA TRP A 208 -6.07 7.55 -1.16
C TRP A 208 -5.26 8.73 -1.68
N ILE A 209 -3.97 8.62 -1.54
CA ILE A 209 -2.97 9.62 -2.05
C ILE A 209 -1.99 8.80 -2.88
N VAL A 210 -2.09 8.89 -4.21
CA VAL A 210 -1.26 8.01 -5.09
C VAL A 210 -0.27 8.89 -5.80
N LEU A 211 1.02 8.66 -5.56
CA LEU A 211 2.10 9.52 -6.16
C LEU A 211 2.22 9.22 -7.65
N LYS A 212 2.36 10.29 -8.46
CA LYS A 212 2.50 10.19 -9.94
C LYS A 212 3.84 9.50 -10.28
N GLU A 213 4.92 9.85 -9.60
CA GLU A 213 6.28 9.38 -9.91
C GLU A 213 6.50 8.02 -9.26
N PRO A 214 6.79 6.99 -10.06
CA PRO A 214 7.18 5.71 -9.49
C PRO A 214 8.61 5.80 -8.94
N ILE A 215 8.97 4.88 -8.03
CA ILE A 215 10.38 4.58 -7.65
C ILE A 215 10.87 3.41 -8.52
N SER A 216 12.18 3.39 -8.84
CA SER A 216 12.87 2.28 -9.55
C SER A 216 13.43 1.33 -8.48
N VAL A 217 13.17 0.03 -8.64
CA VAL A 217 13.80 -1.03 -7.82
C VAL A 217 14.48 -1.96 -8.82
N SER A 218 15.47 -2.77 -8.40
CA SER A 218 16.14 -3.72 -9.32
C SER A 218 15.34 -5.03 -9.51
N SER A 219 15.61 -5.75 -10.59
CA SER A 219 15.07 -7.11 -10.82
CA SER A 219 14.99 -7.08 -10.78
C SER A 219 15.39 -7.97 -9.60
N GLU A 220 16.64 -7.86 -9.12
CA GLU A 220 17.14 -8.65 -7.96
C GLU A 220 16.33 -8.28 -6.71
N GLN A 221 15.97 -7.01 -6.52
CA GLN A 221 15.17 -6.58 -5.35
C GLN A 221 13.77 -7.25 -5.42
N VAL A 222 13.06 -7.18 -6.56
CA VAL A 222 11.66 -7.70 -6.63
CA VAL A 222 11.67 -7.70 -6.65
C VAL A 222 11.74 -9.24 -6.62
N LEU A 223 12.73 -9.88 -7.24
CA LEU A 223 12.91 -11.36 -7.16
C LEU A 223 12.92 -11.85 -5.71
N LYS A 224 13.48 -11.09 -4.76
CA LYS A 224 13.58 -11.48 -3.34
C LYS A 224 12.19 -11.31 -2.68
N PHE A 225 11.35 -10.34 -3.06
CA PHE A 225 9.92 -10.28 -2.62
C PHE A 225 9.23 -11.61 -3.05
N ARG A 226 9.52 -12.10 -4.27
CA ARG A 226 8.81 -13.27 -4.88
C ARG A 226 9.25 -14.61 -4.26
N LYS A 227 10.23 -14.61 -3.37
CA LYS A 227 10.80 -15.84 -2.73
C LYS A 227 10.11 -16.02 -1.39
N LEU A 228 9.37 -15.00 -0.93
CA LEU A 228 8.49 -15.17 0.27
C LEU A 228 7.43 -16.25 -0.01
N ASN A 229 6.82 -16.73 1.09
CA ASN A 229 5.77 -17.78 1.09
C ASN A 229 4.50 -17.21 1.73
N PHE A 230 3.35 -17.50 1.14
CA PHE A 230 2.02 -17.30 1.77
C PHE A 230 1.85 -18.30 2.95
N ASN A 231 2.38 -19.50 2.78
CA ASN A 231 2.16 -20.63 3.74
C ASN A 231 2.98 -20.44 5.01
N GLY A 232 2.57 -21.13 6.06
CA GLY A 232 3.33 -21.29 7.31
C GLY A 232 4.45 -22.28 7.11
N GLU A 233 5.40 -22.25 8.04
CA GLU A 233 6.50 -23.26 8.17
C GLU A 233 5.96 -24.69 8.08
N GLY A 234 6.68 -25.52 7.31
CA GLY A 234 6.54 -26.94 7.01
C GLY A 234 5.16 -27.26 6.44
N GLU A 235 4.58 -26.34 5.68
CA GLU A 235 3.39 -26.60 4.82
C GLU A 235 3.88 -26.59 3.38
N PRO A 236 3.08 -27.05 2.40
CA PRO A 236 3.46 -26.98 0.99
C PRO A 236 3.76 -25.53 0.59
N GLU A 237 4.84 -25.34 -0.18
CA GLU A 237 5.30 -23.99 -0.57
C GLU A 237 4.34 -23.37 -1.58
N GLU A 238 3.75 -22.24 -1.23
CA GLU A 238 3.08 -21.33 -2.16
C GLU A 238 3.84 -19.99 -2.15
N LEU A 239 4.45 -19.71 -3.29
CA LEU A 239 5.22 -18.47 -3.41
C LEU A 239 4.28 -17.28 -3.20
N MET A 240 4.74 -16.30 -2.40
CA MET A 240 4.01 -15.02 -2.19
C MET A 240 4.23 -14.15 -3.41
N VAL A 241 3.31 -14.26 -4.38
CA VAL A 241 3.27 -13.48 -5.66
C VAL A 241 1.81 -13.13 -5.99
N ASP A 242 1.60 -12.03 -6.73
CA ASP A 242 0.29 -11.60 -7.25
C ASP A 242 -0.65 -11.39 -6.05
N ASN A 243 -0.13 -10.71 -5.01
CA ASN A 243 -0.93 -10.37 -3.80
C ASN A 243 -1.58 -9.00 -3.99
N TRP A 244 -2.21 -8.77 -5.13
CA TRP A 244 -2.86 -7.49 -5.54
C TRP A 244 -4.33 -7.75 -5.88
N ARG A 245 -5.18 -6.82 -5.49
CA ARG A 245 -6.59 -6.79 -5.86
C ARG A 245 -6.69 -6.00 -7.14
N PRO A 246 -7.46 -6.43 -8.15
CA PRO A 246 -7.62 -5.61 -9.35
C PRO A 246 -8.53 -4.39 -9.17
N ALA A 247 -8.46 -3.51 -10.19
CA ALA A 247 -9.16 -2.22 -10.19
C ALA A 247 -10.66 -2.51 -10.00
N GLN A 248 -11.33 -1.64 -9.23
CA GLN A 248 -12.78 -1.77 -8.87
C GLN A 248 -13.51 -0.58 -9.48
N PRO A 249 -14.84 -0.66 -9.63
CA PRO A 249 -15.61 0.38 -10.32
C PRO A 249 -15.53 1.72 -9.59
N LEU A 250 -15.28 2.79 -10.35
CA LEU A 250 -15.08 4.12 -9.75
C LEU A 250 -16.42 4.62 -9.19
N LYS A 251 -17.53 4.32 -9.85
CA LYS A 251 -18.89 4.75 -9.39
C LYS A 251 -18.94 6.30 -9.31
N ASN A 252 -19.52 6.83 -8.25
CA ASN A 252 -19.82 8.28 -8.12
C ASN A 252 -18.63 8.98 -7.46
N ARG A 253 -17.43 8.79 -8.03
CA ARG A 253 -16.19 9.33 -7.42
C ARG A 253 -15.38 10.07 -8.47
N GLN A 254 -14.71 11.15 -8.03
CA GLN A 254 -13.76 11.97 -8.83
C GLN A 254 -12.37 11.76 -8.27
N ILE A 255 -11.43 11.53 -9.18
CA ILE A 255 -9.99 11.54 -8.86
C ILE A 255 -9.48 12.96 -9.17
N LYS A 256 -8.95 13.62 -8.15
CA LYS A 256 -8.32 14.97 -8.22
C LYS A 256 -6.80 14.81 -8.35
N ALA A 257 -6.22 15.64 -9.20
CA ALA A 257 -4.74 15.76 -9.37
C ALA A 257 -4.23 16.98 -8.58
N SER A 258 -3.10 16.84 -7.92
CA SER A 258 -2.40 17.96 -7.20
C SER A 258 -1.65 18.87 -8.17
N PHE A 259 -1.52 18.45 -9.44
CA PHE A 259 -0.58 19.04 -10.45
C PHE A 259 -1.35 19.32 -11.76
N LYS A 260 -0.87 20.33 -12.51
CA LYS A 260 -1.44 20.75 -13.84
C LYS A 260 -0.88 19.86 -14.94
C5 A1IO3 B . -5.88 -4.65 7.26
C6 A1IO3 B . -6.67 -4.49 8.54
C7 A1IO3 B . -6.39 -5.25 9.67
C8 A1IO3 B . -7.13 -5.09 10.84
C12 A1IO3 B . -3.67 -3.91 3.21
C9 A1IO3 B . -8.15 -4.16 10.90
O1 A1IO3 B . -2.74 -3.60 5.41
C2 A1IO3 B . -3.75 -3.66 4.71
N3 A1IO3 B . -4.97 -3.50 5.21
C4 A1IO3 B . -5.26 -3.35 6.65
C10 A1IO3 B . -8.44 -3.40 9.79
C11 A1IO3 B . -7.70 -3.56 8.62
C13 A1IO3 B . -4.20 -2.76 2.40
N14 A1IO3 B . -5.35 -2.09 2.62
N15 A1IO3 B . -5.37 -1.05 1.75
N16 A1IO3 B . -4.29 -1.07 1.02
N17 A1IO3 B . -3.56 -2.14 1.43
C1 EDO C . -4.40 -11.18 -8.64
O1 EDO C . -5.54 -10.34 -8.68
C2 EDO C . -4.54 -12.19 -7.61
O2 EDO C . -3.52 -13.14 -7.63
ZN ZN D . -1.90 -2.38 0.55
#